data_4UJ9
#
_entry.id   4UJ9
#
_cell.length_a   72.701
_cell.length_b   75.216
_cell.length_c   80.314
_cell.angle_alpha   90.00
_cell.angle_beta   90.00
_cell.angle_gamma   90.00
#
_symmetry.space_group_name_H-M   'P 21 21 21'
#
loop_
_entity.id
_entity.type
_entity.pdbx_description
1 polymer 'cAMP-dependent protein kinase catalytic subunit alpha'
2 polymer 'cAMP-dependent protein kinase inhibitor alpha'
3 non-polymer 7-[(3S,4R)-4-[4-(trifluoromethyl)phenyl]carbonylpyrrolidin-3-yl]-3H-quinazolin-4-one
4 non-polymer (4S)-2-METHYL-2,4-PENTANEDIOL
5 water water
#
loop_
_entity_poly.entity_id
_entity_poly.type
_entity_poly.pdbx_seq_one_letter_code
_entity_poly.pdbx_strand_id
1 'polypeptide(L)'
;MGNAAAAKKGSEQESVKEFLAKAKEDFLKKWESPAQNTAHLDQFERIKTLGTGSFGRVMLVKHKETGNHYAMKILDKQKV
VKLKQIEHTLNEKRILQAVNFPFLVKLEFSFKDNSNLYMVMEYVPGGEMFSHLRRIGRFSEPHARFYAAQIVLTFEYLHS
LDLIYRDLKPENLLIDQQGYIQVTDFGFAKRVKGRTW(TPO)LCGTPEYLAPEIILSKGYNKAVDWWALGVLIYEMAAGY
PPFFADQPIQIYEKIVSGKVRFPSHFSSDLKDLLRNLLQVDLTKRFGNLKNGVNDIKNHKWFATTDWIAIYQRKVEAPFI
PKFKGPGDTSNFDDYEEEEIRV(SEP)INEKCGKEFSEF
;
A
2 'polypeptide(L)' TTYADFIASGRTGRRNAIHD B
#
loop_
_chem_comp.id
_chem_comp.type
_chem_comp.name
_chem_comp.formula
MPD non-polymer (4S)-2-METHYL-2,4-PENTANEDIOL 'C6 H14 O2'
S3N non-polymer 7-[(3S,4R)-4-[4-(trifluoromethyl)phenyl]carbonylpyrrolidin-3-yl]-3H-quinazolin-4-one 'C20 H16 F3 N3 O2'
#
# COMPACT_ATOMS: atom_id res chain seq x y z
N SER A 11 -16.55 12.53 -22.60
CA SER A 11 -15.30 13.27 -22.76
C SER A 11 -14.60 13.39 -21.41
N GLU A 12 -15.28 12.88 -20.37
CA GLU A 12 -14.64 12.70 -19.10
C GLU A 12 -13.35 11.93 -19.38
N GLN A 13 -13.39 11.05 -20.39
CA GLN A 13 -12.24 10.19 -20.68
C GLN A 13 -11.06 11.07 -21.13
N GLU A 14 -11.34 12.11 -21.93
CA GLU A 14 -10.26 13.00 -22.40
C GLU A 14 -9.66 13.90 -21.29
N SER A 15 -10.50 14.41 -20.38
CA SER A 15 -9.98 15.09 -19.17
C SER A 15 -9.08 14.17 -18.37
N VAL A 16 -9.45 12.91 -18.22
CA VAL A 16 -8.56 11.98 -17.53
C VAL A 16 -7.20 11.83 -18.23
N LYS A 17 -7.24 11.59 -19.54
CA LYS A 17 -5.98 11.50 -20.31
C LYS A 17 -5.08 12.73 -20.17
N GLU A 18 -5.68 13.92 -20.22
CA GLU A 18 -4.91 15.14 -20.07
C GLU A 18 -4.27 15.17 -18.69
N PHE A 19 -5.05 14.91 -17.64
CA PHE A 19 -4.51 14.85 -16.29
C PHE A 19 -3.33 13.89 -16.20
N LEU A 20 -3.50 12.70 -16.75
CA LEU A 20 -2.48 11.69 -16.60
C LEU A 20 -1.22 12.05 -17.41
N ALA A 21 -1.40 12.75 -18.52
CA ALA A 21 -0.28 13.17 -19.37
C ALA A 21 0.64 14.12 -18.60
N LYS A 22 0.05 15.16 -17.98
CA LYS A 22 0.86 16.11 -17.23
C LYS A 22 1.46 15.43 -16.01
N ALA A 23 0.73 14.49 -15.42
CA ALA A 23 1.26 13.79 -14.25
C ALA A 23 2.51 12.98 -14.65
N LYS A 24 2.47 12.35 -15.82
CA LYS A 24 3.64 11.61 -16.28
C LYS A 24 4.82 12.56 -16.49
N GLU A 25 4.56 13.72 -17.09
CA GLU A 25 5.63 14.70 -17.30
C GLU A 25 6.33 14.99 -16.00
N ASP A 26 5.53 15.30 -14.97
CA ASP A 26 6.08 15.68 -13.67
C ASP A 26 6.88 14.50 -13.13
N PHE A 27 6.28 13.32 -13.20
CA PHE A 27 6.91 12.08 -12.69
C PHE A 27 8.27 11.83 -13.34
N LEU A 28 8.33 11.93 -14.67
CA LEU A 28 9.56 11.57 -15.35
C LEU A 28 10.69 12.50 -14.98
N LYS A 29 10.41 13.79 -14.86
CA LYS A 29 11.48 14.72 -14.50
C LYS A 29 12.16 14.23 -13.21
N LYS A 30 11.35 13.83 -12.24
CA LYS A 30 11.89 13.44 -10.94
C LYS A 30 12.46 12.03 -11.00
N TRP A 31 11.86 11.19 -11.83
CA TRP A 31 12.34 9.82 -11.95
C TRP A 31 13.78 9.82 -12.52
N GLU A 32 14.04 10.70 -13.48
CA GLU A 32 15.35 10.75 -14.15
C GLU A 32 16.37 11.51 -13.32
N SER A 33 15.89 12.38 -12.42
CA SER A 33 16.77 13.19 -11.59
C SER A 33 16.30 13.18 -10.13
N PRO A 34 16.54 12.05 -9.45
CA PRO A 34 16.01 11.81 -8.09
C PRO A 34 16.64 12.72 -7.06
N ALA A 35 15.80 13.23 -6.16
CA ALA A 35 16.25 13.96 -4.99
C ALA A 35 17.09 13.01 -4.11
N GLN A 36 18.13 13.55 -3.49
CA GLN A 36 19.05 12.71 -2.75
C GLN A 36 19.69 13.52 -1.62
N ASN A 37 19.87 12.93 -0.43
CA ASN A 37 20.60 13.53 0.69
C ASN A 37 20.00 14.88 1.10
N THR A 38 18.74 14.89 1.54
CA THR A 38 18.09 16.19 1.65
C THR A 38 17.87 16.52 3.12
N ALA A 39 18.41 15.68 4.02
CA ALA A 39 18.40 16.05 5.44
C ALA A 39 19.42 15.20 6.18
N HIS A 40 19.42 15.28 7.53
CA HIS A 40 20.39 14.53 8.35
C HIS A 40 19.69 14.07 9.58
N LEU A 41 20.08 12.91 10.08
CA LEU A 41 19.43 12.33 11.26
C LEU A 41 19.30 13.32 12.42
N ASP A 42 20.33 14.15 12.64
CA ASP A 42 20.34 14.97 13.86
C ASP A 42 19.34 16.10 13.73
N GLN A 43 18.67 16.18 12.58
CA GLN A 43 17.68 17.24 12.38
C GLN A 43 16.32 16.83 12.95
N PHE A 44 16.22 15.59 13.41
CA PHE A 44 14.93 15.03 13.85
C PHE A 44 15.07 14.46 15.26
N GLU A 45 14.05 14.73 16.08
CA GLU A 45 13.91 14.11 17.38
C GLU A 45 13.07 12.85 17.20
N ARG A 46 13.60 11.69 17.59
CA ARG A 46 12.88 10.44 17.43
C ARG A 46 11.97 10.25 18.65
N ILE A 47 10.70 9.95 18.40
CA ILE A 47 9.70 9.91 19.47
C ILE A 47 9.21 8.49 19.80
N LYS A 48 8.75 7.74 18.81
CA LYS A 48 8.08 6.49 19.11
C LYS A 48 7.96 5.67 17.85
N THR A 49 8.09 4.35 17.97
CA THR A 49 7.91 3.48 16.79
C THR A 49 6.42 3.33 16.43
N LEU A 50 6.10 3.48 15.14
CA LEU A 50 4.73 3.37 14.66
C LEU A 50 4.50 2.03 13.96
N GLY A 51 5.57 1.39 13.49
CA GLY A 51 5.44 0.04 12.96
C GLY A 51 6.79 -0.55 12.64
N THR A 52 6.83 -1.84 12.31
CA THR A 52 8.10 -2.50 12.05
C THR A 52 7.96 -3.38 10.80
N GLY A 53 9.11 -3.95 10.40
CA GLY A 53 9.22 -4.79 9.21
C GLY A 53 10.50 -5.59 9.41
N SER A 54 10.88 -6.42 8.44
CA SER A 54 11.94 -7.37 8.71
C SER A 54 13.31 -6.67 8.73
N PHE A 55 13.42 -5.49 8.11
CA PHE A 55 14.75 -4.88 8.12
C PHE A 55 14.76 -3.43 8.60
N GLY A 56 13.80 -3.06 9.44
CA GLY A 56 13.72 -1.66 9.84
C GLY A 56 12.44 -1.37 10.60
N ARG A 57 12.17 -0.08 10.81
CA ARG A 57 11.01 0.34 11.58
C ARG A 57 10.66 1.71 11.10
N VAL A 58 9.42 2.15 11.35
CA VAL A 58 9.01 3.51 11.05
C VAL A 58 8.76 4.17 12.42
N MET A 59 9.38 5.34 12.66
CA MET A 59 9.17 6.06 13.91
C MET A 59 8.50 7.41 13.68
N LEU A 60 7.66 7.82 14.61
CA LEU A 60 7.29 9.26 14.67
C LEU A 60 8.52 10.10 15.07
N VAL A 61 8.82 11.21 14.33
CA VAL A 61 9.91 12.10 14.68
C VAL A 61 9.39 13.53 14.60
N LYS A 62 10.13 14.47 15.18
CA LYS A 62 9.79 15.87 15.03
C LYS A 62 10.99 16.53 14.38
N HIS A 63 10.72 17.27 13.32
CA HIS A 63 11.77 18.03 12.66
C HIS A 63 12.09 19.26 13.50
N LYS A 64 13.34 19.40 13.93
CA LYS A 64 13.62 20.47 14.92
C LYS A 64 13.46 21.87 14.38
N GLU A 65 13.78 22.09 13.11
CA GLU A 65 13.81 23.46 12.59
C GLU A 65 12.41 24.02 12.30
N THR A 66 11.47 23.12 12.04
CA THR A 66 10.08 23.49 11.76
C THR A 66 9.07 23.09 12.83
N GLY A 67 9.39 22.02 13.57
CA GLY A 67 8.45 21.53 14.59
C GLY A 67 7.36 20.62 14.02
N ASN A 68 7.47 20.31 12.71
CA ASN A 68 6.54 19.40 12.07
C ASN A 68 6.86 17.95 12.49
N HIS A 69 5.83 17.14 12.65
CA HIS A 69 6.02 15.68 12.84
C HIS A 69 6.01 14.96 11.50
N TYR A 70 6.77 13.84 11.43
CA TYR A 70 6.91 13.04 10.22
C TYR A 70 7.00 11.61 10.68
N ALA A 71 6.96 10.68 9.72
CA ALA A 71 7.12 9.29 10.06
C ALA A 71 8.40 8.91 9.36
N MET A 72 9.42 8.52 10.15
CA MET A 72 10.73 8.24 9.54
C MET A 72 10.99 6.75 9.44
N LYS A 73 11.18 6.20 8.23
CA LYS A 73 11.43 4.79 8.08
C LYS A 73 12.93 4.62 8.11
N ILE A 74 13.42 3.73 8.97
CA ILE A 74 14.84 3.55 9.21
C ILE A 74 15.14 2.13 8.79
N LEU A 75 15.91 1.97 7.71
CA LEU A 75 16.26 0.64 7.19
C LEU A 75 17.71 0.33 7.49
N ASP A 76 17.96 -0.79 8.14
CA ASP A 76 19.33 -1.27 8.37
C ASP A 76 19.93 -1.86 7.08
N LYS A 77 20.95 -1.18 6.55
CA LYS A 77 21.55 -1.60 5.27
C LYS A 77 21.98 -3.06 5.26
N GLN A 78 22.61 -3.52 6.33
CA GLN A 78 23.05 -4.91 6.39
C GLN A 78 21.90 -5.91 6.31
N LYS A 79 20.81 -5.60 7.01
CA LYS A 79 19.66 -6.48 6.94
C LYS A 79 19.00 -6.44 5.56
N VAL A 80 18.97 -5.27 4.93
CA VAL A 80 18.44 -5.21 3.57
C VAL A 80 19.25 -6.13 2.64
N VAL A 81 20.56 -6.10 2.79
CA VAL A 81 21.41 -6.92 1.92
C VAL A 81 21.16 -8.40 2.20
N LYS A 82 21.07 -8.77 3.48
CA LYS A 82 20.98 -10.20 3.79
C LYS A 82 19.67 -10.77 3.25
N LEU A 83 18.63 -9.93 3.21
CA LEU A 83 17.34 -10.32 2.67
C LEU A 83 17.20 -10.09 1.16
N LYS A 84 18.30 -9.72 0.50
CA LYS A 84 18.29 -9.54 -0.96
C LYS A 84 17.28 -8.47 -1.45
N GLN A 85 17.09 -7.42 -0.66
CA GLN A 85 16.14 -6.37 -1.02
C GLN A 85 16.83 -5.10 -1.42
N ILE A 86 18.07 -5.21 -1.91
CA ILE A 86 18.76 -3.97 -2.23
C ILE A 86 18.00 -3.27 -3.36
N GLU A 87 17.77 -3.98 -4.47
CA GLU A 87 17.16 -3.27 -5.63
C GLU A 87 15.72 -2.83 -5.34
N HIS A 88 15.02 -3.60 -4.51
CA HIS A 88 13.66 -3.21 -4.14
C HIS A 88 13.66 -1.93 -3.32
N THR A 89 14.68 -1.77 -2.46
CA THR A 89 14.73 -0.55 -1.62
C THR A 89 15.13 0.65 -2.46
N LEU A 90 16.02 0.43 -3.43
CA LEU A 90 16.30 1.51 -4.37
C LEU A 90 15.07 1.92 -5.20
N ASN A 91 14.27 0.95 -5.65
CA ASN A 91 12.99 1.19 -6.33
C ASN A 91 12.09 2.04 -5.44
N GLU A 92 11.96 1.59 -4.20
CA GLU A 92 11.06 2.30 -3.25
C GLU A 92 11.37 3.80 -3.18
N LYS A 93 12.62 4.12 -2.89
CA LYS A 93 12.95 5.52 -2.71
C LYS A 93 12.85 6.28 -4.03
N ARG A 94 13.30 5.66 -5.12
CA ARG A 94 13.31 6.41 -6.38
C ARG A 94 11.90 6.73 -6.85
N ILE A 95 10.99 5.75 -6.69
CA ILE A 95 9.60 5.97 -7.08
C ILE A 95 8.93 6.91 -6.12
N LEU A 96 9.07 6.71 -4.80
CA LEU A 96 8.33 7.60 -3.89
C LEU A 96 8.68 9.07 -4.02
N GLN A 97 9.96 9.36 -4.26
CA GLN A 97 10.33 10.76 -4.37
C GLN A 97 9.76 11.34 -5.67
N ALA A 98 9.34 10.49 -6.62
CA ALA A 98 8.89 11.02 -7.92
C ALA A 98 7.36 11.16 -8.08
N VAL A 99 6.59 10.54 -7.18
CA VAL A 99 5.16 10.48 -7.38
C VAL A 99 4.43 11.61 -6.60
N ASN A 100 3.18 11.85 -6.95
CA ASN A 100 2.39 12.96 -6.36
C ASN A 100 0.92 12.66 -6.63
N PHE A 101 0.15 12.24 -5.61
CA PHE A 101 -1.27 11.96 -5.79
C PHE A 101 -1.94 12.12 -4.43
N PRO A 102 -3.23 12.51 -4.42
CA PRO A 102 -3.76 12.86 -3.10
C PRO A 102 -3.81 11.70 -2.13
N PHE A 103 -3.73 10.43 -2.59
CA PHE A 103 -3.91 9.28 -1.70
C PHE A 103 -2.59 8.50 -1.50
N LEU A 104 -1.48 9.14 -1.92
CA LEU A 104 -0.11 8.64 -1.72
C LEU A 104 0.60 9.44 -0.63
N VAL A 105 1.14 8.75 0.38
CA VAL A 105 1.95 9.42 1.40
C VAL A 105 3.15 10.09 0.73
N LYS A 106 3.48 11.32 1.13
CA LYS A 106 4.62 12.00 0.51
C LYS A 106 5.92 11.67 1.21
N LEU A 107 6.96 11.49 0.41
CA LEU A 107 8.32 11.41 0.95
C LEU A 107 8.87 12.84 1.00
N GLU A 108 9.24 13.32 2.18
CA GLU A 108 9.65 14.70 2.39
C GLU A 108 11.17 14.84 2.37
N PHE A 109 11.88 13.84 2.93
CA PHE A 109 13.34 13.88 2.87
C PHE A 109 13.85 12.47 2.80
N SER A 110 15.07 12.29 2.31
CA SER A 110 15.72 10.98 2.40
C SER A 110 17.22 11.23 2.56
N PHE A 111 17.91 10.28 3.20
CA PHE A 111 19.34 10.44 3.42
C PHE A 111 19.82 9.11 3.96
N LYS A 112 21.14 8.94 4.12
CA LYS A 112 21.65 7.68 4.66
C LYS A 112 22.89 7.99 5.54
N ASP A 113 23.28 7.05 6.40
CA ASP A 113 24.52 7.21 7.16
C ASP A 113 25.30 5.88 7.11
N ASN A 114 26.30 5.72 7.97
CA ASN A 114 27.14 4.51 7.86
C ASN A 114 26.31 3.24 7.97
N SER A 115 25.26 3.26 8.80
CA SER A 115 24.48 2.06 9.06
C SER A 115 23.15 1.92 8.34
N ASN A 116 22.44 3.03 8.17
CA ASN A 116 21.01 2.94 7.82
C ASN A 116 20.64 3.75 6.62
N LEU A 117 19.50 3.40 6.02
CA LEU A 117 18.86 4.32 5.07
C LEU A 117 17.69 4.98 5.76
N TYR A 118 17.34 6.19 5.35
CA TYR A 118 16.24 6.91 6.01
C TYR A 118 15.30 7.52 5.01
N MET A 119 13.99 7.26 5.20
CA MET A 119 12.99 7.93 4.36
C MET A 119 12.02 8.66 5.28
N VAL A 120 11.96 9.99 5.17
CA VAL A 120 11.14 10.74 6.12
C VAL A 120 9.85 11.09 5.37
N MET A 121 8.71 10.53 5.79
CA MET A 121 7.45 10.66 5.07
C MET A 121 6.41 11.43 5.86
N GLU A 122 5.29 11.80 5.24
CA GLU A 122 4.25 12.45 6.03
C GLU A 122 3.82 11.46 7.10
N TYR A 123 3.48 12.00 8.26
CA TYR A 123 2.89 11.19 9.37
C TYR A 123 1.38 11.27 9.20
N VAL A 124 0.70 10.11 9.23
CA VAL A 124 -0.75 10.02 9.07
C VAL A 124 -1.31 9.56 10.44
N PRO A 125 -1.91 10.50 11.19
CA PRO A 125 -2.10 10.16 12.60
C PRO A 125 -3.32 9.29 12.86
N GLY A 126 -4.16 9.06 11.85
CA GLY A 126 -5.37 8.25 12.02
C GLY A 126 -5.15 6.75 12.21
N GLY A 127 -3.92 6.29 11.93
CA GLY A 127 -3.53 4.88 12.14
C GLY A 127 -3.81 4.03 10.91
N GLU A 128 -3.52 2.73 10.99
CA GLU A 128 -3.77 1.86 9.85
C GLU A 128 -5.24 1.50 9.69
N MET A 129 -5.67 1.33 8.46
CA MET A 129 -7.00 0.75 8.21
C MET A 129 -7.09 -0.61 8.92
N PHE A 130 -6.01 -1.40 8.86
CA PHE A 130 -5.95 -2.68 9.57
C PHE A 130 -6.53 -2.60 10.99
N SER A 131 -6.14 -1.58 11.73
CA SER A 131 -6.48 -1.51 13.14
C SER A 131 -7.95 -1.26 13.28
N HIS A 132 -8.46 -0.36 12.44
CA HIS A 132 -9.86 0.04 12.53
C HIS A 132 -10.82 -1.06 12.07
N LEU A 133 -10.41 -1.73 11.01
CA LEU A 133 -11.17 -2.82 10.45
C LEU A 133 -11.25 -4.02 11.39
N ARG A 134 -10.12 -4.41 12.00
CA ARG A 134 -10.15 -5.55 12.91
C ARG A 134 -11.01 -5.21 14.13
N ARG A 135 -10.89 -3.99 14.62
CA ARG A 135 -11.69 -3.63 15.80
C ARG A 135 -13.21 -3.59 15.50
N ILE A 136 -13.61 -2.94 14.41
CA ILE A 136 -15.05 -2.82 14.12
C ILE A 136 -15.61 -4.10 13.52
N GLY A 137 -14.76 -4.97 12.98
CA GLY A 137 -15.22 -6.24 12.42
C GLY A 137 -15.25 -6.16 10.91
N ARG A 138 -16.10 -5.28 10.37
CA ARG A 138 -16.16 -5.09 8.90
C ARG A 138 -16.75 -3.73 8.65
N PHE A 139 -16.55 -3.23 7.43
CA PHE A 139 -17.10 -1.96 7.00
C PHE A 139 -18.42 -2.24 6.26
N SER A 140 -19.39 -1.34 6.32
CA SER A 140 -20.57 -1.42 5.47
C SER A 140 -20.13 -1.28 4.02
N GLU A 141 -20.99 -1.63 3.05
CA GLU A 141 -20.59 -1.43 1.65
C GLU A 141 -20.26 0.02 1.26
N PRO A 142 -21.07 1.00 1.69
CA PRO A 142 -20.73 2.38 1.34
C PRO A 142 -19.39 2.76 1.91
N HIS A 143 -19.09 2.32 3.13
CA HIS A 143 -17.79 2.61 3.74
C HIS A 143 -16.64 1.98 2.93
N ALA A 144 -16.72 0.67 2.66
CA ALA A 144 -15.68 0.02 1.81
C ALA A 144 -15.57 0.65 0.42
N ARG A 145 -16.71 1.02 -0.17
CA ARG A 145 -16.69 1.62 -1.53
C ARG A 145 -15.95 2.95 -1.52
N PHE A 146 -16.14 3.75 -0.46
CA PHE A 146 -15.43 5.03 -0.34
C PHE A 146 -13.90 4.85 -0.38
N TYR A 147 -13.38 3.92 0.43
CA TYR A 147 -11.94 3.60 0.41
C TYR A 147 -11.53 2.94 -0.89
N ALA A 148 -12.33 2.00 -1.36
CA ALA A 148 -12.00 1.29 -2.60
C ALA A 148 -11.82 2.26 -3.75
N ALA A 149 -12.71 3.25 -3.84
CA ALA A 149 -12.62 4.23 -4.93
C ALA A 149 -11.26 4.92 -4.95
N GLN A 150 -10.76 5.29 -3.78
CA GLN A 150 -9.45 5.93 -3.68
C GLN A 150 -8.34 5.01 -4.17
N ILE A 151 -8.49 3.70 -3.92
CA ILE A 151 -7.45 2.77 -4.42
C ILE A 151 -7.53 2.69 -5.93
N VAL A 152 -8.75 2.58 -6.46
CA VAL A 152 -8.94 2.59 -7.92
C VAL A 152 -8.25 3.79 -8.57
N LEU A 153 -8.48 5.00 -8.04
CA LEU A 153 -7.86 6.17 -8.66
C LEU A 153 -6.34 6.13 -8.51
N THR A 154 -5.87 5.72 -7.34
CA THR A 154 -4.42 5.61 -7.10
C THR A 154 -3.75 4.60 -8.02
N PHE A 155 -4.37 3.43 -8.23
CA PHE A 155 -3.81 2.45 -9.18
C PHE A 155 -3.89 2.97 -10.62
N GLU A 156 -4.98 3.64 -10.99
CA GLU A 156 -5.03 4.28 -12.33
C GLU A 156 -3.84 5.25 -12.46
N TYR A 157 -3.65 6.14 -11.48
CA TYR A 157 -2.42 6.99 -11.48
C TYR A 157 -1.10 6.19 -11.59
N LEU A 158 -0.83 5.28 -10.65
CA LEU A 158 0.46 4.56 -10.63
C LEU A 158 0.70 3.74 -11.90
N HIS A 159 -0.34 3.01 -12.36
CA HIS A 159 -0.16 2.16 -13.56
C HIS A 159 0.13 2.98 -14.79
N SER A 160 -0.42 4.19 -14.84
CA SER A 160 -0.19 4.99 -16.06
C SER A 160 1.28 5.41 -16.15
N LEU A 161 1.96 5.38 -15.01
CA LEU A 161 3.39 5.74 -14.91
C LEU A 161 4.29 4.50 -15.07
N ASP A 162 3.66 3.38 -15.45
CA ASP A 162 4.31 2.06 -15.62
C ASP A 162 4.75 1.42 -14.28
N LEU A 163 4.06 1.77 -13.19
CA LEU A 163 4.41 1.31 -11.86
C LEU A 163 3.46 0.20 -11.48
N ILE A 164 3.97 -0.81 -10.76
CA ILE A 164 3.14 -1.88 -10.19
C ILE A 164 3.40 -1.68 -8.71
N TYR A 165 2.37 -1.80 -7.88
CA TYR A 165 2.50 -1.43 -6.47
C TYR A 165 2.86 -2.68 -5.63
N ARG A 166 2.04 -3.73 -5.77
CA ARG A 166 2.42 -5.07 -5.31
C ARG A 166 2.39 -5.34 -3.82
N ASP A 167 1.81 -4.47 -3.02
CA ASP A 167 1.64 -4.91 -1.62
C ASP A 167 0.40 -4.28 -0.98
N LEU A 168 -0.72 -4.26 -1.71
CA LEU A 168 -1.95 -3.68 -1.17
C LEU A 168 -2.48 -4.52 -0.01
N LYS A 169 -2.79 -3.87 1.12
CA LYS A 169 -3.44 -4.57 2.23
C LYS A 169 -3.80 -3.57 3.28
N PRO A 170 -4.69 -3.97 4.19
CA PRO A 170 -5.10 -2.94 5.16
C PRO A 170 -3.91 -2.46 6.05
N GLU A 171 -2.88 -3.27 6.28
CA GLU A 171 -1.75 -2.84 7.13
C GLU A 171 -0.97 -1.71 6.46
N ASN A 172 -1.14 -1.56 5.14
CA ASN A 172 -0.37 -0.54 4.42
C ASN A 172 -1.26 0.59 3.88
N LEU A 173 -2.40 0.81 4.50
CA LEU A 173 -3.24 1.95 4.16
C LEU A 173 -3.48 2.72 5.46
N LEU A 174 -3.18 4.03 5.47
CA LEU A 174 -3.40 4.80 6.69
C LEU A 174 -4.64 5.71 6.47
N ILE A 175 -5.28 6.11 7.56
CA ILE A 175 -6.42 7.05 7.48
C ILE A 175 -5.97 8.43 7.99
N ASP A 176 -6.16 9.48 7.18
CA ASP A 176 -5.66 10.80 7.58
C ASP A 176 -6.75 11.55 8.32
N GLN A 177 -6.46 12.80 8.69
CA GLN A 177 -7.36 13.56 9.54
C GLN A 177 -8.71 13.83 8.92
N GLN A 178 -8.81 13.78 7.59
CA GLN A 178 -10.10 14.01 6.93
C GLN A 178 -10.84 12.70 6.66
N GLY A 179 -10.26 11.57 7.09
CA GLY A 179 -10.92 10.27 6.88
C GLY A 179 -10.57 9.61 5.56
N TYR A 180 -9.66 10.22 4.80
CA TYR A 180 -9.22 9.67 3.53
C TYR A 180 -8.01 8.73 3.67
N ILE A 181 -7.76 7.94 2.62
CA ILE A 181 -6.72 6.91 2.60
C ILE A 181 -5.41 7.53 2.18
N GLN A 182 -4.33 7.13 2.87
CA GLN A 182 -2.96 7.37 2.43
C GLN A 182 -2.25 6.03 2.22
N VAL A 183 -1.89 5.74 0.97
CA VAL A 183 -1.17 4.51 0.67
C VAL A 183 0.31 4.65 1.03
N THR A 184 0.81 3.67 1.79
CA THR A 184 2.20 3.70 2.26
C THR A 184 2.91 2.46 1.66
N ASP A 185 4.14 2.20 2.11
CA ASP A 185 4.84 0.93 1.77
C ASP A 185 5.07 0.61 0.34
N PHE A 186 5.99 1.38 -0.23
CA PHE A 186 6.36 1.17 -1.61
C PHE A 186 7.53 0.21 -1.76
N GLY A 187 7.83 -0.60 -0.74
CA GLY A 187 8.99 -1.48 -0.81
C GLY A 187 9.03 -2.48 -1.98
N PHE A 188 7.86 -2.88 -2.52
CA PHE A 188 7.80 -3.76 -3.72
C PHE A 188 7.39 -3.00 -4.98
N ALA A 189 7.30 -1.68 -4.93
CA ALA A 189 6.81 -0.98 -6.11
C ALA A 189 7.93 -1.04 -7.16
N LYS A 190 7.54 -1.12 -8.43
CA LYS A 190 8.54 -1.31 -9.50
C LYS A 190 8.06 -0.66 -10.78
N ARG A 191 8.97 0.02 -11.50
CA ARG A 191 8.64 0.63 -12.79
C ARG A 191 9.05 -0.39 -13.86
N VAL A 192 8.07 -0.92 -14.58
CA VAL A 192 8.38 -2.00 -15.52
C VAL A 192 7.37 -1.95 -16.68
N LYS A 193 7.87 -1.94 -17.90
CA LYS A 193 6.99 -2.07 -19.05
C LYS A 193 7.00 -3.55 -19.44
N GLY A 194 5.86 -4.14 -19.63
CA GLY A 194 5.90 -5.59 -19.86
C GLY A 194 5.91 -6.35 -18.53
N ARG A 195 6.51 -7.53 -18.47
CA ARG A 195 6.18 -8.44 -17.39
C ARG A 195 7.34 -8.53 -16.39
N THR A 196 7.07 -9.02 -15.19
CA THR A 196 8.13 -9.17 -14.19
C THR A 196 7.81 -10.48 -13.46
N TRP A 197 8.68 -10.96 -12.59
CA TRP A 197 8.60 -12.37 -12.16
C TRP A 197 8.80 -12.56 -10.67
N TPO A 198 9.34 -11.10 -9.98
CA TPO A 198 9.63 -11.36 -8.59
CB TPO A 198 10.09 -10.10 -7.94
CG2 TPO A 198 10.53 -10.36 -6.51
OG1 TPO A 198 11.16 -9.70 -8.72
P TPO A 198 10.98 -8.30 -9.39
O1P TPO A 198 10.92 -7.27 -8.22
O2P TPO A 198 12.18 -8.18 -10.35
O3P TPO A 198 9.68 -8.41 -10.17
C TPO A 198 8.46 -11.93 -7.90
O TPO A 198 7.31 -11.47 -7.70
N LEU A 199 9.07 -13.17 -6.28
CA LEU A 199 7.77 -13.64 -5.81
C LEU A 199 7.74 -12.65 -4.68
N CYS A 200 6.74 -11.78 -4.63
CA CYS A 200 6.65 -10.83 -3.51
C CYS A 200 5.22 -10.39 -3.34
N GLY A 201 4.90 -9.97 -2.12
CA GLY A 201 3.63 -9.38 -1.76
C GLY A 201 3.32 -9.94 -0.37
N THR A 202 2.04 -10.15 -0.05
CA THR A 202 1.63 -10.76 1.23
C THR A 202 0.70 -11.94 0.84
N PRO A 203 0.86 -13.11 1.48
CA PRO A 203 0.17 -14.30 0.97
C PRO A 203 -1.34 -14.13 0.65
N GLU A 204 -2.14 -13.55 1.56
CA GLU A 204 -3.59 -13.41 1.31
C GLU A 204 -3.96 -12.66 0.03
N TYR A 205 -3.01 -11.87 -0.45
CA TYR A 205 -3.26 -10.89 -1.50
C TYR A 205 -2.60 -11.25 -2.80
N LEU A 206 -1.80 -12.31 -2.83
CA LEU A 206 -1.07 -12.66 -4.08
C LEU A 206 -2.05 -13.17 -5.13
N ALA A 207 -1.92 -12.68 -6.36
CA ALA A 207 -2.66 -13.24 -7.49
C ALA A 207 -2.14 -14.63 -7.85
N PRO A 208 -3.01 -15.47 -8.45
CA PRO A 208 -2.63 -16.84 -8.81
C PRO A 208 -1.35 -16.86 -9.64
N GLU A 209 -1.17 -15.87 -10.53
CA GLU A 209 -0.04 -16.00 -11.47
C GLU A 209 1.29 -15.73 -10.74
N ILE A 210 1.23 -15.02 -9.59
CA ILE A 210 2.46 -14.77 -8.82
C ILE A 210 2.82 -16.10 -8.17
N ILE A 211 1.81 -16.71 -7.53
CA ILE A 211 1.98 -18.06 -6.95
C ILE A 211 2.50 -19.12 -7.90
N LEU A 212 1.99 -19.14 -9.14
CA LEU A 212 2.37 -20.18 -10.07
C LEU A 212 3.63 -19.80 -10.84
N SER A 213 4.27 -18.70 -10.44
CA SER A 213 5.58 -18.35 -11.03
C SER A 213 5.52 -18.07 -12.51
N LYS A 214 4.49 -17.33 -12.91
CA LYS A 214 4.39 -16.91 -14.29
C LYS A 214 4.92 -15.47 -14.37
N GLY A 215 5.22 -14.98 -15.55
CA GLY A 215 5.44 -13.55 -15.62
C GLY A 215 4.11 -12.94 -15.20
N TYR A 216 4.12 -11.71 -14.68
CA TYR A 216 2.82 -11.05 -14.43
C TYR A 216 2.97 -9.54 -14.63
N ASN A 217 1.88 -8.81 -14.44
CA ASN A 217 1.92 -7.37 -14.70
C ASN A 217 0.98 -6.67 -13.76
N LYS A 218 0.49 -5.50 -14.15
CA LYS A 218 -0.24 -4.68 -13.19
C LYS A 218 -1.57 -5.33 -12.88
N ALA A 219 -1.98 -6.33 -13.66
CA ALA A 219 -3.21 -7.04 -13.28
C ALA A 219 -3.16 -7.63 -11.87
N VAL A 220 -1.96 -7.85 -11.30
CA VAL A 220 -1.89 -8.39 -9.93
C VAL A 220 -2.40 -7.37 -8.92
N ASP A 221 -2.20 -6.10 -9.19
CA ASP A 221 -2.74 -5.09 -8.25
C ASP A 221 -4.27 -5.08 -8.28
N TRP A 222 -4.88 -5.31 -9.46
CA TRP A 222 -6.34 -5.40 -9.53
C TRP A 222 -6.91 -6.63 -8.81
N TRP A 223 -6.23 -7.78 -8.93
CA TRP A 223 -6.58 -8.93 -8.11
C TRP A 223 -6.52 -8.50 -6.63
N ALA A 224 -5.43 -7.84 -6.21
CA ALA A 224 -5.26 -7.47 -4.80
C ALA A 224 -6.39 -6.54 -4.32
N LEU A 225 -6.86 -5.64 -5.20
CA LEU A 225 -8.00 -4.77 -4.85
C LEU A 225 -9.26 -5.62 -4.62
N GLY A 226 -9.43 -6.67 -5.43
CA GLY A 226 -10.53 -7.62 -5.16
C GLY A 226 -10.42 -8.20 -3.76
N VAL A 227 -9.22 -8.64 -3.35
CA VAL A 227 -9.03 -9.18 -2.02
C VAL A 227 -9.33 -8.09 -0.98
N LEU A 228 -8.86 -6.86 -1.22
CA LEU A 228 -9.04 -5.81 -0.21
C LEU A 228 -10.51 -5.48 -0.04
N ILE A 229 -11.23 -5.33 -1.14
CA ILE A 229 -12.65 -4.93 -1.01
C ILE A 229 -13.39 -6.05 -0.26
N TYR A 230 -13.12 -7.32 -0.62
CA TYR A 230 -13.75 -8.42 0.09
C TYR A 230 -13.44 -8.35 1.59
N GLU A 231 -12.18 -8.09 1.96
CA GLU A 231 -11.84 -8.13 3.38
C GLU A 231 -12.48 -6.94 4.12
N MET A 232 -12.47 -5.76 3.50
CA MET A 232 -13.19 -4.63 4.11
C MET A 232 -14.66 -4.94 4.33
N ALA A 233 -15.30 -5.53 3.34
CA ALA A 233 -16.77 -5.75 3.47
C ALA A 233 -17.15 -6.99 4.26
N ALA A 234 -16.28 -8.00 4.29
CA ALA A 234 -16.58 -9.25 5.08
C ALA A 234 -16.01 -9.21 6.48
N GLY A 235 -14.86 -8.56 6.66
CA GLY A 235 -14.13 -8.59 7.94
C GLY A 235 -13.06 -9.70 7.98
N TYR A 236 -13.03 -10.55 6.95
CA TYR A 236 -12.00 -11.55 6.77
C TYR A 236 -11.66 -11.66 5.29
N PRO A 237 -10.47 -12.22 4.95
CA PRO A 237 -10.20 -12.18 3.50
C PRO A 237 -10.84 -13.36 2.80
N PRO A 238 -10.84 -13.32 1.46
CA PRO A 238 -11.52 -14.38 0.72
C PRO A 238 -10.75 -15.70 0.82
N PHE A 239 -9.43 -15.67 1.06
CA PHE A 239 -8.64 -16.91 1.14
C PHE A 239 -7.80 -16.82 2.41
N PHE A 240 -8.17 -17.57 3.44
CA PHE A 240 -7.36 -17.57 4.65
C PHE A 240 -7.20 -18.98 5.17
N ALA A 241 -6.12 -19.20 5.92
CA ALA A 241 -5.86 -20.52 6.54
C ALA A 241 -4.82 -20.26 7.60
N ASP A 242 -4.36 -21.30 8.29
CA ASP A 242 -3.34 -21.06 9.31
C ASP A 242 -1.94 -20.92 8.74
N GLN A 243 -1.67 -21.52 7.57
CA GLN A 243 -0.34 -21.43 6.94
C GLN A 243 -0.37 -21.01 5.45
N PRO A 244 0.65 -20.26 5.02
CA PRO A 244 0.62 -19.73 3.65
C PRO A 244 0.34 -20.79 2.57
N ILE A 245 0.87 -22.01 2.66
CA ILE A 245 0.65 -22.97 1.56
C ILE A 245 -0.83 -23.32 1.41
N GLN A 246 -1.55 -23.36 2.53
CA GLN A 246 -2.98 -23.63 2.48
C GLN A 246 -3.70 -22.46 1.80
N ILE A 247 -3.20 -21.27 2.04
CA ILE A 247 -3.78 -20.07 1.45
C ILE A 247 -3.59 -20.10 -0.08
N TYR A 248 -2.39 -20.46 -0.53
CA TYR A 248 -2.07 -20.54 -1.96
C TYR A 248 -2.94 -21.54 -2.71
N GLU A 249 -3.21 -22.69 -2.08
CA GLU A 249 -4.06 -23.70 -2.67
C GLU A 249 -5.45 -23.15 -2.87
N LYS A 250 -5.93 -22.31 -1.94
CA LYS A 250 -7.26 -21.74 -2.11
C LYS A 250 -7.21 -20.74 -3.23
N ILE A 251 -6.18 -19.91 -3.23
CA ILE A 251 -6.08 -18.84 -4.23
C ILE A 251 -6.12 -19.43 -5.65
N VAL A 252 -5.34 -20.47 -5.89
CA VAL A 252 -5.23 -21.02 -7.25
C VAL A 252 -6.39 -21.96 -7.60
N SER A 253 -7.25 -22.31 -6.63
CA SER A 253 -8.31 -23.30 -6.87
C SER A 253 -9.39 -22.75 -7.82
N GLY A 254 -9.54 -21.42 -7.84
CA GLY A 254 -10.53 -20.81 -8.70
C GLY A 254 -11.92 -20.75 -8.07
N LYS A 255 -12.01 -21.18 -6.79
CA LYS A 255 -13.26 -21.10 -5.99
C LYS A 255 -13.15 -19.93 -5.03
N VAL A 256 -14.25 -19.18 -4.84
CA VAL A 256 -14.36 -18.14 -3.83
C VAL A 256 -15.80 -18.14 -3.32
N ARG A 257 -16.03 -17.97 -2.01
CA ARG A 257 -17.42 -17.77 -1.55
C ARG A 257 -17.70 -16.48 -0.77
N PHE A 258 -18.93 -15.99 -0.88
CA PHE A 258 -19.20 -14.63 -0.43
C PHE A 258 -20.18 -14.72 0.70
N PRO A 259 -19.98 -13.90 1.73
CA PRO A 259 -20.93 -13.81 2.88
C PRO A 259 -22.34 -13.57 2.33
N SER A 260 -23.39 -14.09 2.98
CA SER A 260 -24.71 -13.91 2.41
C SER A 260 -25.15 -12.44 2.43
N HIS A 261 -24.48 -11.59 3.19
CA HIS A 261 -24.85 -10.16 3.20
C HIS A 261 -24.24 -9.32 2.05
N PHE A 262 -23.28 -9.85 1.28
CA PHE A 262 -22.75 -9.10 0.15
C PHE A 262 -23.88 -8.86 -0.84
N SER A 263 -24.02 -7.61 -1.31
CA SER A 263 -25.06 -7.25 -2.30
C SER A 263 -24.69 -7.96 -3.59
N SER A 264 -25.64 -8.21 -4.47
CA SER A 264 -25.30 -8.91 -5.71
C SER A 264 -24.34 -8.08 -6.60
N ASP A 265 -24.44 -6.75 -6.59
CA ASP A 265 -23.43 -5.93 -7.31
C ASP A 265 -22.02 -6.13 -6.73
N LEU A 266 -21.91 -6.22 -5.40
CA LEU A 266 -20.59 -6.39 -4.80
C LEU A 266 -20.03 -7.73 -5.26
N LYS A 267 -20.84 -8.79 -5.22
CA LYS A 267 -20.33 -10.11 -5.64
C LYS A 267 -19.95 -10.12 -7.12
N ASP A 268 -20.71 -9.43 -7.96
CA ASP A 268 -20.38 -9.45 -9.38
C ASP A 268 -19.03 -8.77 -9.58
N LEU A 269 -18.83 -7.62 -8.91
CA LEU A 269 -17.56 -6.90 -9.07
C LEU A 269 -16.38 -7.75 -8.59
N LEU A 270 -16.53 -8.40 -7.43
CA LEU A 270 -15.48 -9.25 -6.89
C LEU A 270 -15.20 -10.48 -7.76
N ARG A 271 -16.22 -11.03 -8.42
CA ARG A 271 -15.99 -12.18 -9.32
C ARG A 271 -15.13 -11.74 -10.47
N ASN A 272 -15.30 -10.51 -10.88
CA ASN A 272 -14.53 -10.03 -12.03
C ASN A 272 -13.10 -9.56 -11.66
N LEU A 273 -12.89 -9.19 -10.39
CA LEU A 273 -11.55 -8.83 -9.92
C LEU A 273 -10.78 -10.07 -9.48
N LEU A 274 -11.47 -10.97 -8.77
CA LEU A 274 -10.86 -12.20 -8.28
C LEU A 274 -10.95 -13.22 -9.38
N GLN A 275 -10.54 -12.82 -10.58
CA GLN A 275 -10.70 -13.68 -11.74
C GLN A 275 -9.36 -14.33 -12.08
N VAL A 276 -9.26 -15.67 -11.96
CA VAL A 276 -7.98 -16.30 -12.23
C VAL A 276 -7.57 -16.11 -13.70
N ASP A 277 -8.54 -16.06 -14.60
CA ASP A 277 -8.26 -15.92 -16.05
C ASP A 277 -7.97 -14.44 -16.42
N LEU A 278 -6.70 -14.14 -16.67
CA LEU A 278 -6.25 -12.80 -17.04
C LEU A 278 -7.00 -12.18 -18.22
N THR A 279 -7.53 -12.99 -19.13
CA THR A 279 -8.18 -12.43 -20.32
C THR A 279 -9.54 -11.92 -19.91
N LYS A 280 -9.89 -12.20 -18.65
CA LYS A 280 -11.20 -11.83 -18.17
C LYS A 280 -11.17 -10.96 -16.94
N ARG A 281 -9.99 -10.67 -16.39
CA ARG A 281 -9.93 -9.94 -15.11
C ARG A 281 -10.17 -8.45 -15.31
N PHE A 282 -11.13 -7.88 -14.55
CA PHE A 282 -11.34 -6.45 -14.63
C PHE A 282 -10.08 -5.66 -14.31
N GLY A 283 -9.84 -4.60 -15.07
CA GLY A 283 -8.68 -3.77 -14.85
C GLY A 283 -7.68 -4.17 -15.92
N ASN A 284 -7.86 -5.39 -16.44
CA ASN A 284 -6.94 -5.96 -17.44
C ASN A 284 -7.50 -6.13 -18.86
N LEU A 285 -8.70 -5.61 -19.15
CA LEU A 285 -9.30 -5.78 -20.50
C LEU A 285 -9.12 -4.52 -21.34
N LYS A 286 -9.70 -4.51 -22.53
CA LYS A 286 -9.49 -3.38 -23.44
C LYS A 286 -9.91 -2.05 -22.78
N ASN A 287 -10.92 -2.09 -21.93
CA ASN A 287 -11.46 -0.88 -21.30
C ASN A 287 -10.67 -0.45 -20.05
N GLY A 288 -9.67 -1.25 -19.67
CA GLY A 288 -8.78 -0.87 -18.59
C GLY A 288 -9.55 -0.61 -17.33
N VAL A 289 -9.17 0.44 -16.61
CA VAL A 289 -9.77 0.74 -15.31
C VAL A 289 -11.25 1.11 -15.46
N ASN A 290 -11.63 1.52 -16.66
CA ASN A 290 -13.03 1.89 -16.89
C ASN A 290 -14.08 0.78 -16.64
N ASP A 291 -13.72 -0.50 -16.82
CA ASP A 291 -14.68 -1.57 -16.49
C ASP A 291 -14.95 -1.53 -14.98
N ILE A 292 -13.96 -1.10 -14.19
CA ILE A 292 -14.17 -0.98 -12.75
C ILE A 292 -14.93 0.32 -12.41
N LYS A 293 -14.45 1.46 -12.90
CA LYS A 293 -15.12 2.72 -12.58
C LYS A 293 -16.61 2.69 -12.95
N ASN A 294 -16.97 2.02 -14.04
CA ASN A 294 -18.35 1.99 -14.49
C ASN A 294 -19.20 0.80 -14.01
N HIS A 295 -18.62 -0.04 -13.16
CA HIS A 295 -19.37 -1.18 -12.64
C HIS A 295 -20.52 -0.67 -11.76
N LYS A 296 -21.65 -1.36 -11.76
CA LYS A 296 -22.82 -0.98 -10.98
C LYS A 296 -22.51 -0.68 -9.51
N TRP A 297 -21.61 -1.44 -8.92
CA TRP A 297 -21.34 -1.25 -7.49
C TRP A 297 -20.81 0.15 -7.22
N PHE A 298 -20.13 0.72 -8.23
CA PHE A 298 -19.63 2.09 -8.13
C PHE A 298 -20.58 3.16 -8.71
N ALA A 299 -21.83 2.82 -9.03
CA ALA A 299 -22.69 3.85 -9.63
C ALA A 299 -22.85 5.11 -8.77
N THR A 300 -22.85 4.96 -7.45
CA THR A 300 -23.02 6.14 -6.55
C THR A 300 -21.72 6.98 -6.47
N THR A 301 -20.60 6.39 -6.89
CA THR A 301 -19.31 7.06 -6.79
C THR A 301 -19.09 8.21 -7.79
N ASP A 302 -18.82 9.40 -7.25
CA ASP A 302 -18.45 10.56 -8.05
C ASP A 302 -16.92 10.64 -8.02
N TRP A 303 -16.27 10.12 -9.06
CA TRP A 303 -14.82 10.00 -9.08
C TRP A 303 -14.07 11.31 -8.85
N ILE A 304 -14.55 12.39 -9.45
CA ILE A 304 -13.90 13.68 -9.36
C ILE A 304 -14.02 14.20 -7.94
N ALA A 305 -15.23 14.16 -7.38
CA ALA A 305 -15.45 14.55 -5.99
C ALA A 305 -14.53 13.79 -5.06
N ILE A 306 -14.30 12.50 -5.32
CA ILE A 306 -13.42 11.71 -4.47
C ILE A 306 -12.01 12.26 -4.57
N TYR A 307 -11.57 12.48 -5.81
CA TYR A 307 -10.21 12.97 -6.03
C TYR A 307 -9.99 14.32 -5.32
N GLN A 308 -11.00 15.19 -5.39
CA GLN A 308 -10.96 16.52 -4.77
C GLN A 308 -11.20 16.48 -3.27
N ARG A 309 -11.43 15.29 -2.72
CA ARG A 309 -11.68 15.15 -1.28
C ARG A 309 -12.92 15.94 -0.80
N LYS A 310 -13.89 16.09 -1.70
CA LYS A 310 -15.15 16.74 -1.34
C LYS A 310 -16.20 15.80 -0.76
N VAL A 311 -16.00 14.49 -0.87
CA VAL A 311 -16.98 13.55 -0.34
C VAL A 311 -16.83 13.41 1.17
N GLU A 312 -17.94 13.41 1.90
CA GLU A 312 -17.88 13.25 3.34
C GLU A 312 -17.42 11.83 3.72
N ALA A 313 -16.36 11.73 4.53
CA ALA A 313 -15.83 10.43 4.91
C ALA A 313 -16.74 9.69 5.91
N PRO A 314 -16.66 8.35 5.93
CA PRO A 314 -17.43 7.47 6.83
C PRO A 314 -17.04 7.69 8.28
N PHE A 315 -15.78 8.00 8.54
CA PHE A 315 -15.39 8.34 9.88
C PHE A 315 -14.09 9.08 9.91
N ILE A 316 -13.96 9.92 10.92
CA ILE A 316 -12.78 10.76 11.18
C ILE A 316 -12.10 10.18 12.41
N PRO A 317 -10.83 9.77 12.31
CA PRO A 317 -10.09 9.23 13.45
C PRO A 317 -10.03 10.25 14.59
N LYS A 318 -10.00 9.76 15.83
CA LYS A 318 -9.85 10.63 16.97
C LYS A 318 -8.47 11.29 16.91
N PHE A 319 -8.42 12.61 17.02
CA PHE A 319 -7.13 13.31 17.01
C PHE A 319 -6.97 14.01 18.33
N LYS A 320 -6.04 13.55 19.15
CA LYS A 320 -5.83 14.18 20.45
C LYS A 320 -4.89 15.40 20.36
N GLY A 321 -3.95 15.36 19.42
CA GLY A 321 -3.19 16.55 19.13
C GLY A 321 -2.07 16.25 18.17
N PRO A 322 -1.21 17.26 17.93
CA PRO A 322 -0.01 16.93 17.13
C PRO A 322 0.89 15.97 17.93
N GLY A 323 1.41 14.96 17.24
CA GLY A 323 2.36 14.05 17.85
C GLY A 323 1.72 12.93 18.66
N ASP A 324 0.38 12.92 18.75
CA ASP A 324 -0.26 11.85 19.48
C ASP A 324 -0.26 10.56 18.68
N THR A 325 -0.06 9.41 19.34
CA THR A 325 0.02 8.14 18.60
C THR A 325 -1.04 7.13 19.00
N SER A 326 -2.13 7.57 19.64
CA SER A 326 -3.04 6.58 20.21
C SER A 326 -3.79 5.76 19.16
N ASN A 327 -3.70 6.14 17.88
CA ASN A 327 -4.29 5.30 16.85
C ASN A 327 -3.32 4.18 16.39
N PHE A 328 -2.14 4.10 17.00
CA PHE A 328 -1.14 3.10 16.59
C PHE A 328 -0.85 2.18 17.74
N ASP A 329 -0.56 0.93 17.44
CA ASP A 329 -0.13 0.00 18.48
C ASP A 329 1.25 0.44 19.03
N ASP A 330 1.57 -0.06 20.22
CA ASP A 330 2.90 0.09 20.82
C ASP A 330 3.84 -1.02 20.34
N TYR A 331 5.08 -0.66 20.02
CA TYR A 331 6.08 -1.64 19.61
C TYR A 331 7.31 -1.48 20.49
N GLU A 332 8.09 -2.55 20.65
CA GLU A 332 9.34 -2.46 21.41
C GLU A 332 10.30 -1.47 20.73
N GLU A 333 10.89 -0.58 21.52
CA GLU A 333 11.82 0.40 20.99
C GLU A 333 13.25 -0.18 21.03
N GLU A 334 14.11 0.34 20.17
CA GLU A 334 15.50 -0.10 20.16
C GLU A 334 16.35 1.12 19.84
N GLU A 335 17.52 1.26 20.44
CA GLU A 335 18.24 2.50 20.16
C GLU A 335 18.88 2.44 18.78
N ILE A 336 18.89 3.54 18.05
CA ILE A 336 19.54 3.59 16.74
C ILE A 336 21.06 3.62 16.98
N ARG A 337 21.81 2.74 16.33
CA ARG A 337 23.26 2.82 16.45
C ARG A 337 23.87 3.04 15.07
N VAL A 338 24.74 4.03 14.97
CA VAL A 338 25.38 4.32 13.71
C VAL A 338 26.82 3.89 13.83
N SEP A 339 27.19 2.90 13.04
CA SEP A 339 28.52 2.37 13.11
CB SEP A 339 28.62 1.15 12.20
OG SEP A 339 29.96 0.77 12.00
C SEP A 339 29.53 3.44 12.70
O SEP A 339 29.18 4.41 11.98
P SEP A 339 30.51 -0.29 13.10
O1P SEP A 339 30.90 0.53 14.44
O2P SEP A 339 31.75 -1.01 12.39
O3P SEP A 339 29.36 -1.37 13.45
N ILE A 340 30.78 3.30 13.16
CA ILE A 340 31.80 4.27 12.81
C ILE A 340 32.42 3.89 11.47
N ASN A 341 31.95 2.77 10.92
CA ASN A 341 32.38 2.33 9.58
C ASN A 341 31.22 2.29 8.59
N GLU A 342 31.46 2.78 7.38
CA GLU A 342 30.39 2.75 6.37
C GLU A 342 30.03 1.31 6.01
N LYS A 343 28.75 0.97 6.09
CA LYS A 343 28.33 -0.37 5.64
C LYS A 343 27.65 -0.28 4.29
N CYS A 344 28.03 -1.20 3.39
CA CYS A 344 27.30 -1.43 2.16
C CYS A 344 27.24 -0.17 1.32
N GLY A 345 28.35 0.58 1.22
CA GLY A 345 28.31 1.88 0.57
C GLY A 345 28.02 1.73 -0.91
N LYS A 346 28.74 0.83 -1.55
CA LYS A 346 28.52 0.63 -2.97
C LYS A 346 27.10 0.17 -3.33
N GLU A 347 26.55 -0.80 -2.60
CA GLU A 347 25.21 -1.30 -2.91
C GLU A 347 24.16 -0.16 -2.92
N PHE A 348 24.27 0.78 -1.97
CA PHE A 348 23.27 1.87 -1.84
C PHE A 348 23.76 3.25 -2.33
N SER A 349 24.72 3.26 -3.26
CA SER A 349 25.31 4.53 -3.70
C SER A 349 24.28 5.53 -4.21
N GLU A 350 23.27 5.07 -4.98
CA GLU A 350 22.39 6.05 -5.60
C GLU A 350 21.26 6.51 -4.67
N PHE A 351 21.17 5.92 -3.49
CA PHE A 351 20.11 6.28 -2.53
C PHE A 351 20.37 7.71 -2.00
N THR B 1 -19.12 -20.43 12.06
CA THR B 1 -19.26 -19.36 11.06
C THR B 1 -17.87 -19.06 10.50
N THR B 2 -17.82 -18.61 9.26
CA THR B 2 -16.55 -18.27 8.66
C THR B 2 -15.83 -17.20 9.49
N TYR B 3 -16.58 -16.19 9.95
CA TYR B 3 -15.99 -15.17 10.82
C TYR B 3 -15.36 -15.80 12.04
N ALA B 4 -16.10 -16.68 12.72
CA ALA B 4 -15.50 -17.36 13.88
C ALA B 4 -14.26 -18.15 13.52
N ASP B 5 -14.29 -18.82 12.37
CA ASP B 5 -13.09 -19.54 11.93
C ASP B 5 -11.93 -18.57 11.70
N PHE B 6 -12.22 -17.42 11.11
CA PHE B 6 -11.13 -16.47 10.92
C PHE B 6 -10.58 -16.03 12.27
N ILE B 7 -11.47 -15.65 13.21
CA ILE B 7 -11.05 -15.05 14.46
C ILE B 7 -10.18 -16.01 15.30
N ALA B 8 -10.43 -17.32 15.15
CA ALA B 8 -9.72 -18.37 15.87
C ALA B 8 -8.42 -18.79 15.12
N SER B 9 -8.21 -18.29 13.91
CA SER B 9 -7.00 -18.67 13.14
C SER B 9 -5.76 -17.87 13.62
N GLY B 10 -4.58 -18.28 13.16
CA GLY B 10 -3.36 -17.58 13.59
C GLY B 10 -3.00 -16.40 12.66
N ARG B 11 -3.87 -16.05 11.73
CA ARG B 11 -3.59 -14.91 10.82
C ARG B 11 -4.56 -13.76 10.89
N THR B 12 -4.98 -13.38 12.12
CA THR B 12 -5.71 -12.13 12.26
C THR B 12 -4.86 -10.94 12.69
N GLY B 13 -3.57 -11.16 13.03
CA GLY B 13 -2.67 -10.07 13.38
C GLY B 13 -2.07 -9.54 12.08
N ARG B 14 -1.09 -8.64 12.14
CA ARG B 14 -0.56 -8.03 10.92
C ARG B 14 0.22 -9.13 10.19
N ARG B 15 0.13 -9.10 8.87
CA ARG B 15 0.71 -10.14 8.06
C ARG B 15 1.94 -9.60 7.42
N ASN B 16 3.01 -10.39 7.50
CA ASN B 16 4.31 -9.97 6.98
C ASN B 16 4.37 -10.16 5.45
N ALA B 17 5.08 -9.26 4.79
CA ALA B 17 5.42 -9.43 3.39
C ALA B 17 6.25 -10.70 3.21
N ILE B 18 6.13 -11.36 2.05
CA ILE B 18 7.03 -12.47 1.75
C ILE B 18 7.85 -12.14 0.52
N HIS B 19 8.91 -12.91 0.30
CA HIS B 19 9.61 -12.90 -0.98
C HIS B 19 10.57 -14.11 -1.04
N ASP B 20 11.20 -14.35 -2.19
CA ASP B 20 12.32 -15.30 -2.29
C ASP B 20 13.43 -14.82 -1.33
F01 S3N C . 10.57 -3.41 6.51
C02 S3N C . 10.67 -2.13 6.69
F03 S3N C . 11.00 -1.70 5.50
F04 S3N C . 11.69 -1.80 7.43
C05 S3N C . 9.42 -1.54 7.22
C06 S3N C . 9.39 -1.12 8.55
C07 S3N C . 8.22 -0.53 9.06
C08 S3N C . 7.11 -0.37 8.23
C09 S3N C . 7.12 -0.78 6.91
C10 S3N C . 8.31 -1.38 6.41
C11 S3N C . 5.81 0.27 8.72
O12 S3N C . 5.74 0.70 9.88
C13 S3N C . 4.63 0.42 7.83
C14 S3N C . 3.95 -0.90 7.54
N15 S3N C . 2.56 -0.53 7.26
C16 S3N C . 2.34 0.79 7.91
C17 S3N C . 3.63 1.17 8.64
C18 S3N C . 3.51 2.65 8.66
C19 S3N C . 3.95 3.39 7.55
C20 S3N C . 3.84 4.81 7.51
C21 S3N C . 3.31 5.48 8.57
C22 S3N C . 2.87 4.74 9.73
C23 S3N C . 2.99 3.34 9.77
C24 S3N C . 3.17 6.98 8.54
O25 S3N C . 2.67 7.58 9.48
N26 S3N C . 3.63 7.64 7.39
C27 S3N C . 4.20 6.93 6.28
N28 S3N C . 4.33 5.49 6.32
H06 S3N C . 10.15 -1.22 9.12
H10 S3N C . 8.35 -1.66 5.48
H07 S3N C . 8.20 -0.25 9.97
H09 S3N C . 6.36 -0.66 6.34
H13 S3N C . 5.08 1.03 7.22
H141 S3N C . 4.01 -1.49 8.31
H142 S3N C . 4.35 -1.33 6.78
H17 S3N C . 3.53 1.04 9.57
H15 S3N C . 2.00 -1.24 7.53
H161 S3N C . 1.64 0.68 8.58
H162 S3N C . 2.05 1.46 7.26
H19 S3N C . 4.33 2.93 6.80
H23 S3N C . 2.64 2.83 10.57
H22 S3N C . 2.46 5.21 10.49
H26 S3N C . 3.57 8.54 7.35
H27 S3N C . 4.51 7.43 5.50
C1 MPD D . -8.29 1.05 16.32
C2 MPD D . -7.91 1.93 17.48
O2 MPD D . -8.28 3.26 17.28
CM MPD D . -8.69 1.48 18.66
C3 MPD D . -6.45 1.91 17.80
C4 MPD D . -5.60 0.68 17.75
O4 MPD D . -4.26 1.04 17.92
C5 MPD D . -5.93 -0.25 18.85
H11 MPD D . -8.05 0.13 16.51
H12 MPD D . -7.83 1.36 15.52
H13 MPD D . -9.25 1.11 16.17
HO2 MPD D . -7.96 3.76 17.94
HM1 MPD D . -9.63 1.43 18.42
HM2 MPD D . -8.57 2.12 19.39
HM3 MPD D . -8.38 0.60 18.93
H31 MPD D . -6.03 2.58 17.23
H32 MPD D . -6.38 2.23 18.71
H4 MPD D . -5.72 0.24 16.89
HO4 MPD D . -3.86 0.44 18.43
H51 MPD D . -6.64 0.14 19.39
H52 MPD D . -6.22 -1.10 18.49
H53 MPD D . -5.14 -0.38 19.41
C1 MPD E . -8.64 13.54 -12.37
C2 MPD E . -8.84 12.12 -12.00
O2 MPD E . -9.42 11.99 -10.75
CM MPD E . -9.76 11.51 -12.99
C3 MPD E . -7.51 11.42 -11.99
C4 MPD E . -7.55 9.93 -12.02
O4 MPD E . -7.98 9.55 -13.28
C5 MPD E . -6.19 9.36 -11.75
H11 MPD E . -8.24 13.59 -13.25
H12 MPD E . -8.05 13.96 -11.72
H13 MPD E . -9.50 14.00 -12.38
HO2 MPD E . -8.90 12.38 -10.15
HM1 MPD E . -10.58 12.06 -13.05
HM2 MPD E . -10.00 10.61 -12.72
HM3 MPD E . -9.33 11.49 -13.86
H31 MPD E . -6.99 11.74 -12.75
H32 MPD E . -7.06 11.68 -11.18
H4 MPD E . -8.17 9.61 -11.35
HO4 MPD E . -8.70 9.03 -13.19
H51 MPD E . -5.57 9.66 -12.44
H52 MPD E . -5.87 9.68 -10.89
H53 MPD E . -6.24 8.39 -11.75
#